data_2BJN
#
_entry.id   2BJN
#
_cell.length_a   99.423
_cell.length_b   57.005
_cell.length_c   60.406
_cell.angle_alpha   90.00
_cell.angle_beta   117.16
_cell.angle_gamma   90.00
#
_symmetry.space_group_name_H-M   'C 1 2 1'
#
loop_
_entity.id
_entity.type
_entity.pdbx_description
1 polymer 'TRAFFICKING PROTEIN PARTICLE COMPLEX SUBUNIT 6B'
2 non-polymer 'SULFATE ION'
3 non-polymer GLYCEROL
4 water water
#
_entity_poly.entity_id   1
_entity_poly.type   'polypeptide(L)'
_entity_poly.pdbx_seq_one_letter_code
;GSMADEALFLLLHNEMVSGVYKSAEQGEVENGRCITKLENMGFRVGQGLIERFTKDTARFKDELDIMKFICKDFWTTVFK
KQIDNLRTNHQGIYVLQDNKFRLLTQMSAGKQYLEHASKYLAFTCGLIRGGLSNLGIKSIVTAEVSSMPACKFQVMIQKL
;
_entity_poly.pdbx_strand_id   A,B
#
# COMPACT_ATOMS: atom_id res chain seq x y z
N GLY A 1 0.37 -15.12 4.96
CA GLY A 1 1.79 -15.49 5.20
C GLY A 1 2.72 -14.50 4.55
N SER A 2 4.00 -14.88 4.48
CA SER A 2 5.04 -14.05 3.85
C SER A 2 4.67 -13.74 2.39
N MET A 3 4.10 -14.71 1.67
CA MET A 3 3.79 -14.41 0.26
C MET A 3 2.81 -13.23 0.14
N ALA A 4 1.81 -13.21 1.01
CA ALA A 4 0.81 -12.13 0.96
C ALA A 4 1.46 -10.84 1.48
N ASP A 5 2.29 -10.97 2.53
CA ASP A 5 2.99 -9.78 3.10
C ASP A 5 3.86 -9.12 2.05
N GLU A 6 4.52 -9.94 1.23
CA GLU A 6 5.42 -9.50 0.16
C GLU A 6 4.70 -8.96 -1.05
N ALA A 7 3.42 -9.25 -1.19
CA ALA A 7 2.60 -8.74 -2.29
C ALA A 7 1.90 -7.43 -1.96
N LEU A 8 1.72 -7.11 -0.66
CA LEU A 8 0.86 -6.00 -0.29
C LEU A 8 1.37 -4.70 -0.95
N PHE A 9 2.65 -4.39 -0.76
CA PHE A 9 3.16 -3.13 -1.33
C PHE A 9 3.08 -3.11 -2.85
N LEU A 10 3.44 -4.22 -3.50
CA LEU A 10 3.34 -4.30 -4.98
C LEU A 10 1.92 -3.97 -5.42
N LEU A 11 0.92 -4.59 -4.77
CA LEU A 11 -0.45 -4.32 -5.16
C LEU A 11 -0.83 -2.87 -4.98
N LEU A 12 -0.46 -2.28 -3.87
CA LEU A 12 -0.80 -0.87 -3.63
C LEU A 12 -0.06 0.06 -4.60
N HIS A 13 1.21 -0.24 -4.85
CA HIS A 13 2.03 0.54 -5.80
C HIS A 13 1.42 0.45 -7.19
N ASN A 14 0.97 -0.73 -7.59
CA ASN A 14 0.35 -0.89 -8.87
C ASN A 14 -0.86 0.04 -9.02
N GLU A 15 -1.64 0.16 -7.94
CA GLU A 15 -2.82 1.05 -7.96
C GLU A 15 -2.38 2.53 -8.07
N MET A 16 -1.35 2.88 -7.35
CA MET A 16 -0.82 4.27 -7.37
C MET A 16 -0.39 4.63 -8.77
N VAL A 17 0.39 3.77 -9.39
CA VAL A 17 0.88 4.04 -10.77
C VAL A 17 -0.24 4.09 -11.78
N SER A 18 -1.08 3.06 -11.78
CA SER A 18 -2.19 3.02 -12.68
C SER A 18 -3.08 4.25 -12.54
N GLY A 19 -3.39 4.63 -11.30
CA GLY A 19 -4.31 5.74 -11.06
C GLY A 19 -3.75 7.07 -11.44
N VAL A 20 -2.46 7.27 -11.17
CA VAL A 20 -1.80 8.51 -11.56
C VAL A 20 -1.84 8.67 -13.10
N TYR A 21 -1.55 7.60 -13.83
CA TYR A 21 -1.60 7.68 -15.30
C TYR A 21 -3.03 7.79 -15.85
N LYS A 22 -3.95 6.98 -15.34
CA LYS A 22 -5.37 7.01 -15.71
C LYS A 22 -6.05 8.34 -15.44
N SER A 23 -5.71 8.96 -14.31
CA SER A 23 -6.33 10.20 -13.83
C SER A 23 -5.59 11.45 -14.29
N ALA A 24 -4.55 11.29 -15.10
CA ALA A 24 -3.73 12.42 -15.51
C ALA A 24 -4.61 13.40 -16.31
N GLU A 25 -4.40 14.71 -16.09
CA GLU A 25 -5.10 15.76 -16.87
C GLU A 25 -4.35 15.97 -18.19
N GLN A 26 -4.99 16.56 -19.19
CA GLN A 26 -4.30 16.86 -20.45
C GLN A 26 -2.86 17.33 -20.21
N GLY A 27 -1.92 16.71 -20.94
CA GLY A 27 -0.52 17.11 -20.97
C GLY A 27 0.39 16.71 -19.80
N GLU A 28 -0.16 16.03 -18.81
CA GLU A 28 0.57 15.69 -17.57
C GLU A 28 1.46 14.43 -17.67
N VAL A 29 1.17 13.56 -18.63
CA VAL A 29 2.09 12.46 -18.86
C VAL A 29 3.31 13.08 -19.50
N GLU A 30 3.06 13.83 -20.57
CA GLU A 30 4.10 14.41 -21.41
C GLU A 30 4.93 15.49 -20.73
N ASN A 31 4.40 16.17 -19.74
CA ASN A 31 5.19 17.22 -19.13
C ASN A 31 5.93 16.77 -17.85
N GLY A 32 5.84 15.48 -17.49
CA GLY A 32 6.56 15.02 -16.31
C GLY A 32 5.78 15.10 -15.01
N ARG A 33 4.54 15.56 -15.05
CA ARG A 33 3.80 15.69 -13.82
C ARG A 33 3.40 14.36 -13.19
N CYS A 34 3.17 13.32 -14.03
CA CYS A 34 2.84 12.02 -13.45
C CYS A 34 4.02 11.51 -12.65
N ILE A 35 5.22 11.83 -13.15
CA ILE A 35 6.46 11.46 -12.46
C ILE A 35 6.62 12.21 -11.15
N THR A 36 6.44 13.53 -11.14
CA THR A 36 6.60 14.29 -9.91
C THR A 36 5.54 13.84 -8.93
N LYS A 37 4.32 13.47 -9.40
CA LYS A 37 3.27 13.00 -8.46
C LYS A 37 3.82 11.75 -7.70
N LEU A 38 4.31 10.77 -8.46
CA LEU A 38 4.83 9.54 -7.87
C LEU A 38 6.01 9.79 -6.96
N GLU A 39 6.90 10.67 -7.35
CA GLU A 39 8.08 10.96 -6.50
C GLU A 39 7.66 11.69 -5.22
N ASN A 40 6.69 12.59 -5.35
CA ASN A 40 6.28 13.38 -4.18
C ASN A 40 5.50 12.50 -3.19
N MET A 41 4.73 11.54 -3.67
CA MET A 41 3.99 10.63 -2.77
C MET A 41 5.02 9.76 -2.05
N GLY A 42 6.04 9.33 -2.78
CA GLY A 42 7.07 8.48 -2.18
C GLY A 42 7.78 9.26 -1.09
N PHE A 43 8.08 10.52 -1.37
CA PHE A 43 8.78 11.40 -0.39
C PHE A 43 7.99 11.44 0.91
N ARG A 44 6.67 11.72 0.83
CA ARG A 44 5.87 11.82 2.06
C ARG A 44 5.86 10.49 2.85
N VAL A 45 5.76 9.38 2.14
CA VAL A 45 5.70 8.05 2.79
C VAL A 45 7.08 7.81 3.45
N GLY A 46 8.19 8.14 2.77
CA GLY A 46 9.52 7.98 3.31
C GLY A 46 9.71 8.78 4.60
N GLN A 47 9.28 10.04 4.57
CA GLN A 47 9.28 10.87 5.76
C GLN A 47 8.53 10.19 6.91
N GLY A 48 7.32 9.72 6.63
CA GLY A 48 6.48 9.15 7.60
C GLY A 48 7.07 7.91 8.25
N LEU A 49 7.76 7.10 7.45
CA LEU A 49 8.40 5.89 7.97
C LEU A 49 9.49 6.21 8.93
N ILE A 50 10.32 7.22 8.60
CA ILE A 50 11.39 7.68 9.47
C ILE A 50 10.91 8.12 10.82
N GLU A 51 9.79 8.82 10.83
CA GLU A 51 9.24 9.28 12.05
C GLU A 51 8.88 8.12 12.99
N ARG A 52 8.76 6.92 12.45
CA ARG A 52 8.43 5.72 13.26
C ARG A 52 9.61 4.87 13.68
N PHE A 53 10.81 5.25 13.32
CA PHE A 53 12.01 4.48 13.68
C PHE A 53 12.72 4.99 14.94
N GLU A 63 27.14 9.70 7.92
CA GLU A 63 26.35 9.63 6.69
C GLU A 63 26.31 8.19 6.17
N LEU A 64 27.41 7.46 6.31
CA LEU A 64 27.48 6.06 5.87
C LEU A 64 26.55 5.20 6.72
N ASP A 65 26.52 5.51 8.06
CA ASP A 65 25.58 4.79 8.95
C ASP A 65 24.13 4.96 8.49
N ILE A 66 23.78 6.18 8.11
CA ILE A 66 22.46 6.48 7.59
C ILE A 66 22.14 5.67 6.33
N MET A 67 23.15 5.48 5.48
CA MET A 67 22.93 4.77 4.22
C MET A 67 22.76 3.27 4.42
N LYS A 68 23.55 2.67 5.32
CA LYS A 68 23.34 1.27 5.69
C LYS A 68 21.94 1.03 6.30
N PHE A 69 21.39 2.01 7.02
CA PHE A 69 20.06 1.88 7.59
C PHE A 69 19.02 1.92 6.48
N ILE A 70 19.24 2.76 5.45
CA ILE A 70 18.37 2.73 4.29
C ILE A 70 18.42 1.34 3.64
N CYS A 71 19.62 0.79 3.55
CA CYS A 71 19.84 -0.49 2.90
C CYS A 71 19.27 -1.66 3.67
N LYS A 72 19.11 -1.51 4.99
CA LYS A 72 18.77 -2.66 5.84
C LYS A 72 17.37 -2.54 6.43
N ASP A 73 17.25 -1.88 7.57
CA ASP A 73 15.95 -1.74 8.24
C ASP A 73 14.87 -1.10 7.32
N PHE A 74 15.22 -0.01 6.65
CA PHE A 74 14.29 0.73 5.80
C PHE A 74 13.87 -0.10 4.61
N TRP A 75 14.84 -0.63 3.86
CA TRP A 75 14.51 -1.52 2.75
C TRP A 75 13.71 -2.75 3.21
N THR A 76 14.03 -3.28 4.38
CA THR A 76 13.37 -4.50 4.86
C THR A 76 11.91 -4.23 5.21
N THR A 77 11.65 -3.03 5.73
CA THR A 77 10.28 -2.62 6.09
C THR A 77 9.41 -2.57 4.85
N VAL A 78 9.96 -1.97 3.81
CA VAL A 78 9.20 -1.73 2.61
C VAL A 78 9.20 -2.96 1.71
N PHE A 79 10.35 -3.63 1.53
CA PHE A 79 10.49 -4.67 0.53
C PHE A 79 10.73 -6.08 1.09
N LYS A 80 10.76 -6.21 2.41
CA LYS A 80 10.91 -7.52 3.06
C LYS A 80 12.27 -8.16 2.76
N LYS A 81 13.24 -7.34 2.38
CA LYS A 81 14.62 -7.78 2.25
C LYS A 81 15.54 -6.60 2.26
N GLN A 82 16.84 -6.85 2.40
CA GLN A 82 17.85 -5.80 2.37
C GLN A 82 18.33 -5.50 0.96
N ILE A 83 18.97 -4.35 0.81
CA ILE A 83 19.63 -4.04 -0.43
C ILE A 83 20.75 -5.08 -0.63
N ASP A 84 20.94 -5.52 -1.87
CA ASP A 84 21.96 -6.51 -2.17
C ASP A 84 23.39 -5.96 -2.12
N ASN A 85 23.59 -4.71 -2.52
CA ASN A 85 24.95 -4.13 -2.58
C ASN A 85 24.92 -2.61 -2.38
N LEU A 86 25.75 -2.09 -1.47
CA LEU A 86 25.92 -0.65 -1.30
C LEU A 86 27.34 -0.25 -1.71
N ARG A 87 27.44 0.57 -2.75
CA ARG A 87 28.73 1.01 -3.24
C ARG A 87 28.79 2.54 -3.26
N THR A 88 29.94 3.08 -2.91
CA THR A 88 30.17 4.51 -3.04
C THR A 88 31.59 4.72 -3.60
N ASN A 89 31.66 5.29 -4.79
CA ASN A 89 32.91 5.55 -5.47
C ASN A 89 33.52 6.89 -5.07
N HIS A 90 32.64 7.81 -4.68
CA HIS A 90 33.02 9.18 -4.43
C HIS A 90 32.22 9.76 -3.29
N GLN A 91 32.83 10.67 -2.53
CA GLN A 91 32.13 11.46 -1.53
C GLN A 91 30.77 11.94 -2.05
N GLY A 92 29.72 11.52 -1.37
CA GLY A 92 28.37 12.02 -1.62
C GLY A 92 27.54 11.32 -2.68
N ILE A 93 28.01 10.18 -3.18
CA ILE A 93 27.22 9.43 -4.16
C ILE A 93 27.31 7.90 -3.92
N TYR A 94 26.13 7.29 -3.74
CA TYR A 94 25.98 5.88 -3.39
C TYR A 94 25.16 5.17 -4.45
N VAL A 95 25.47 3.90 -4.69
CA VAL A 95 24.67 3.09 -5.58
C VAL A 95 24.16 1.91 -4.77
N LEU A 96 22.82 1.83 -4.73
CA LEU A 96 22.09 0.80 -4.01
C LEU A 96 21.48 -0.17 -5.03
N GLN A 97 21.92 -1.42 -5.00
CA GLN A 97 21.52 -2.38 -6.02
C GLN A 97 20.54 -3.39 -5.44
N ASP A 98 19.38 -3.53 -6.09
CA ASP A 98 18.37 -4.53 -5.73
C ASP A 98 18.32 -5.50 -6.91
N ASN A 99 18.72 -6.75 -6.67
CA ASN A 99 18.84 -7.76 -7.72
C ASN A 99 17.52 -8.28 -8.27
N LYS A 100 16.47 -8.18 -7.47
CA LYS A 100 15.14 -8.59 -7.90
C LYS A 100 14.18 -7.60 -7.29
N PHE A 101 14.02 -6.47 -7.96
CA PHE A 101 13.24 -5.37 -7.40
C PHE A 101 11.74 -5.72 -7.42
N ARG A 102 11.11 -5.72 -6.24
CA ARG A 102 9.77 -6.27 -6.03
C ARG A 102 8.72 -5.73 -7.02
N LEU A 103 8.82 -4.43 -7.28
CA LEU A 103 7.82 -3.71 -8.06
C LEU A 103 7.82 -3.99 -9.57
N LEU A 104 8.89 -4.66 -10.05
CA LEU A 104 9.07 -5.02 -11.45
C LEU A 104 8.91 -6.52 -11.70
N THR A 105 8.48 -7.25 -10.67
CA THR A 105 8.47 -8.71 -10.82
C THR A 105 7.28 -9.14 -11.65
N GLN A 106 6.56 -8.19 -12.24
CA GLN A 106 5.46 -8.59 -13.12
C GLN A 106 5.63 -8.05 -14.53
N MET A 107 6.87 -8.16 -15.03
CA MET A 107 7.27 -7.65 -16.35
C MET A 107 8.36 -8.53 -16.90
N GLU A 115 12.98 2.74 -20.53
CA GLU A 115 12.43 4.09 -20.37
C GLU A 115 11.00 4.00 -19.86
N HIS A 116 10.32 2.95 -20.30
CA HIS A 116 8.95 2.73 -19.90
C HIS A 116 8.77 2.08 -18.54
N ALA A 117 9.87 1.59 -17.95
CA ALA A 117 9.86 1.08 -16.57
C ALA A 117 10.12 2.18 -15.53
N SER A 118 10.59 3.35 -15.99
CA SER A 118 10.97 4.40 -15.04
C SER A 118 9.80 4.81 -14.16
N LYS A 119 8.60 4.76 -14.69
CA LYS A 119 7.47 5.15 -13.85
C LYS A 119 7.27 4.23 -12.65
N TYR A 120 7.75 2.98 -12.73
CA TYR A 120 7.66 2.05 -11.62
C TYR A 120 8.80 2.21 -10.58
N LEU A 121 9.76 3.12 -10.84
CA LEU A 121 10.90 3.41 -9.95
C LEU A 121 10.74 4.76 -9.25
N ALA A 122 9.84 5.62 -9.73
CA ALA A 122 9.77 6.97 -9.25
C ALA A 122 9.39 7.05 -7.77
N PHE A 123 8.37 6.29 -7.41
CA PHE A 123 7.87 6.36 -6.03
C PHE A 123 8.99 5.98 -5.04
N THR A 124 9.71 4.95 -5.41
CA THR A 124 10.82 4.48 -4.56
C THR A 124 12.00 5.48 -4.47
N CYS A 125 12.32 6.13 -5.58
CA CYS A 125 13.30 7.25 -5.51
C CYS A 125 12.82 8.28 -4.46
N GLY A 126 11.53 8.60 -4.47
CA GLY A 126 10.95 9.55 -3.49
C GLY A 126 11.04 9.03 -2.06
N LEU A 127 10.74 7.75 -1.89
CA LEU A 127 10.78 7.09 -0.58
C LEU A 127 12.18 7.33 0.07
N ILE A 128 13.22 7.08 -0.71
CA ILE A 128 14.61 7.17 -0.19
C ILE A 128 14.91 8.65 0.14
N ARG A 129 14.56 9.53 -0.78
CA ARG A 129 14.75 10.98 -0.57
C ARG A 129 14.02 11.53 0.66
N GLY A 130 12.77 11.11 0.84
CA GLY A 130 11.98 11.52 2.02
C GLY A 130 12.54 11.04 3.35
N GLY A 131 12.99 9.78 3.38
CA GLY A 131 13.60 9.19 4.59
C GLY A 131 14.85 10.01 4.92
N LEU A 132 15.67 10.29 3.93
CA LEU A 132 16.86 11.16 4.14
C LEU A 132 16.54 12.60 4.58
N SER A 133 15.51 13.20 3.99
CA SER A 133 15.10 14.57 4.36
C SER A 133 14.87 14.69 5.90
N ASN A 134 14.19 13.69 6.47
CA ASN A 134 13.82 13.80 7.85
C ASN A 134 14.99 13.39 8.81
N LEU A 135 16.10 12.94 8.22
CA LEU A 135 17.35 12.80 8.93
C LEU A 135 18.30 14.00 8.65
N GLY A 136 17.78 15.07 8.02
CA GLY A 136 18.59 16.28 7.84
C GLY A 136 19.40 16.34 6.56
N ILE A 137 19.12 15.42 5.63
CA ILE A 137 19.92 15.31 4.44
C ILE A 137 19.16 15.67 3.18
N LYS A 138 19.75 16.56 2.38
CA LYS A 138 19.24 16.87 1.06
C LYS A 138 19.90 15.96 0.01
N SER A 139 19.08 15.35 -0.85
CA SER A 139 19.60 14.41 -1.84
C SER A 139 18.77 14.47 -3.13
N ILE A 140 19.37 13.96 -4.21
CA ILE A 140 18.71 13.62 -5.45
C ILE A 140 18.84 12.13 -5.59
N VAL A 141 17.77 11.44 -5.98
CA VAL A 141 17.79 9.97 -6.11
C VAL A 141 17.23 9.62 -7.48
N THR A 142 18.01 8.90 -8.27
CA THR A 142 17.58 8.41 -9.56
C THR A 142 17.69 6.89 -9.60
N ALA A 143 17.12 6.26 -10.62
CA ALA A 143 17.16 4.80 -10.72
C ALA A 143 17.17 4.33 -12.15
N GLU A 144 17.76 3.17 -12.38
CA GLU A 144 17.72 2.52 -13.70
C GLU A 144 17.61 1.01 -13.52
N VAL A 145 16.97 0.34 -14.47
CA VAL A 145 16.95 -1.11 -14.50
C VAL A 145 18.30 -1.56 -15.04
N SER A 146 19.06 -2.30 -14.23
CA SER A 146 20.34 -2.86 -14.67
C SER A 146 20.03 -3.97 -15.67
N SER A 147 19.43 -5.03 -15.16
CA SER A 147 18.93 -6.12 -15.96
C SER A 147 17.62 -6.61 -15.33
N MET A 148 16.50 -6.30 -15.97
CA MET A 148 15.16 -6.66 -15.47
C MET A 148 15.15 -8.01 -14.75
N PRO A 149 14.70 -8.06 -13.49
CA PRO A 149 14.18 -7.03 -12.60
C PRO A 149 15.19 -6.43 -11.63
N ALA A 150 16.49 -6.54 -11.90
CA ALA A 150 17.49 -5.87 -11.07
C ALA A 150 17.49 -4.36 -11.32
N CYS A 151 17.70 -3.58 -10.26
CA CYS A 151 17.65 -2.13 -10.32
C CYS A 151 18.76 -1.49 -9.52
N LYS A 152 19.25 -0.36 -9.99
CA LYS A 152 20.19 0.46 -9.23
C LYS A 152 19.62 1.83 -8.92
N PHE A 153 19.65 2.19 -7.65
CA PHE A 153 19.25 3.50 -7.16
C PHE A 153 20.50 4.27 -6.83
N GLN A 154 20.61 5.45 -7.43
CA GLN A 154 21.75 6.34 -7.25
C GLN A 154 21.33 7.51 -6.35
N VAL A 155 21.99 7.59 -5.19
CA VAL A 155 21.73 8.56 -4.16
C VAL A 155 22.89 9.55 -4.13
N MET A 156 22.52 10.81 -4.34
CA MET A 156 23.48 11.89 -4.60
C MET A 156 23.25 12.97 -3.57
N ILE A 157 24.13 13.06 -2.58
CA ILE A 157 23.91 14.07 -1.54
C ILE A 157 24.21 15.50 -1.99
N GLN A 158 23.33 16.42 -1.58
CA GLN A 158 23.43 17.85 -1.95
C GLN A 158 23.89 18.76 -0.81
N LYS A 159 24.67 19.68 -1.00
N GLY B 1 11.14 -0.80 13.13
CA GLY B 1 10.55 -1.85 14.02
C GLY B 1 9.10 -2.09 13.69
N SER B 2 8.36 -2.68 14.64
CA SER B 2 6.94 -2.91 14.40
C SER B 2 6.18 -1.56 14.27
N MET B 3 6.67 -0.52 14.92
CA MET B 3 5.98 0.75 14.80
C MET B 3 5.93 1.13 13.32
N ALA B 4 7.05 1.01 12.63
CA ALA B 4 7.11 1.33 11.17
C ALA B 4 6.30 0.34 10.32
N ASP B 5 6.38 -0.95 10.68
CA ASP B 5 5.72 -2.05 9.96
C ASP B 5 4.19 -1.89 9.84
N GLU B 6 3.56 -1.44 10.91
CA GLU B 6 2.14 -1.14 10.88
C GLU B 6 1.96 0.08 9.95
N ALA B 7 2.86 1.04 10.14
CA ALA B 7 2.72 2.35 9.52
C ALA B 7 2.68 2.39 8.00
N LEU B 8 3.34 1.47 7.30
CA LEU B 8 3.45 1.54 5.86
C LEU B 8 2.08 1.61 5.21
N PHE B 9 1.25 0.66 5.58
CA PHE B 9 -0.11 0.66 5.01
C PHE B 9 -0.87 1.97 5.27
N LEU B 10 -0.85 2.45 6.51
CA LEU B 10 -1.57 3.67 6.88
C LEU B 10 -1.06 4.80 5.96
N LEU B 11 0.24 4.88 5.78
CA LEU B 11 0.82 5.98 5.03
C LEU B 11 0.42 5.90 3.55
N LEU B 12 0.48 4.69 2.99
CA LEU B 12 0.06 4.50 1.58
C LEU B 12 -1.44 4.79 1.43
N HIS B 13 -2.27 4.30 2.35
CA HIS B 13 -3.70 4.57 2.29
C HIS B 13 -3.94 6.10 2.36
N ASN B 14 -3.24 6.82 3.24
CA ASN B 14 -3.34 8.29 3.29
C ASN B 14 -3.09 8.93 1.91
N GLU B 15 -2.07 8.44 1.23
CA GLU B 15 -1.72 8.92 -0.10
C GLU B 15 -2.79 8.64 -1.11
N MET B 16 -3.34 7.42 -1.08
CA MET B 16 -4.46 7.07 -1.99
C MET B 16 -5.66 7.98 -1.82
N VAL B 17 -6.08 8.18 -0.57
CA VAL B 17 -7.24 9.02 -0.28
C VAL B 17 -6.96 10.45 -0.70
N SER B 18 -5.81 10.98 -0.28
CA SER B 18 -5.44 12.34 -0.68
C SER B 18 -5.47 12.53 -2.19
N GLY B 19 -4.85 11.61 -2.91
CA GLY B 19 -4.77 11.69 -4.35
C GLY B 19 -6.10 11.62 -5.07
N VAL B 20 -6.97 10.71 -4.64
CA VAL B 20 -8.27 10.59 -5.30
C VAL B 20 -9.01 11.87 -5.16
N TYR B 21 -9.02 12.43 -3.95
CA TYR B 21 -9.73 13.69 -3.74
C TYR B 21 -9.06 14.90 -4.39
N LYS B 22 -7.73 14.98 -4.42
CA LYS B 22 -7.04 16.12 -5.07
C LYS B 22 -7.20 16.06 -6.58
N SER B 23 -7.30 14.86 -7.11
CA SER B 23 -7.28 14.62 -8.55
C SER B 23 -8.70 14.58 -9.12
N ALA B 24 -9.69 14.68 -8.25
CA ALA B 24 -11.08 14.49 -8.64
C ALA B 24 -11.45 15.52 -9.69
N GLU B 25 -12.16 15.09 -10.73
CA GLU B 25 -12.61 16.00 -11.78
C GLU B 25 -13.90 16.68 -11.36
N GLN B 26 -14.23 17.76 -12.05
CA GLN B 26 -15.52 18.41 -11.85
C GLN B 26 -16.62 17.37 -11.60
N GLY B 27 -17.21 17.42 -10.41
CA GLY B 27 -18.40 16.65 -10.13
C GLY B 27 -18.20 15.25 -9.60
N GLU B 28 -16.94 14.82 -9.46
CA GLU B 28 -16.65 13.47 -9.00
C GLU B 28 -16.75 13.29 -7.48
N VAL B 29 -16.58 14.36 -6.71
CA VAL B 29 -16.82 14.23 -5.26
C VAL B 29 -18.33 14.04 -5.04
N GLU B 30 -19.11 14.98 -5.58
CA GLU B 30 -20.54 15.05 -5.37
C GLU B 30 -21.30 13.83 -5.93
N ASN B 31 -20.85 13.27 -7.05
CA ASN B 31 -21.56 12.13 -7.65
C ASN B 31 -21.11 10.77 -7.11
N GLY B 32 -20.14 10.75 -6.19
CA GLY B 32 -19.72 9.53 -5.48
C GLY B 32 -18.62 8.75 -6.18
N ARG B 33 -18.04 9.37 -7.20
CA ARG B 33 -17.02 8.67 -7.96
C ARG B 33 -15.75 8.52 -7.12
N CYS B 34 -15.45 9.45 -6.21
CA CYS B 34 -14.21 9.31 -5.36
C CYS B 34 -14.34 8.07 -4.49
N ILE B 35 -15.54 7.86 -3.96
CA ILE B 35 -15.82 6.66 -3.17
C ILE B 35 -15.71 5.38 -3.98
N THR B 36 -16.29 5.35 -5.20
CA THR B 36 -16.18 4.11 -5.97
C THR B 36 -14.76 3.87 -6.35
N LYS B 37 -13.99 4.93 -6.68
CA LYS B 37 -12.57 4.71 -6.97
C LYS B 37 -11.93 4.03 -5.79
N LEU B 38 -12.12 4.57 -4.58
CA LEU B 38 -11.45 3.93 -3.44
C LEU B 38 -11.95 2.50 -3.18
N GLU B 39 -13.24 2.27 -3.29
CA GLU B 39 -13.74 0.89 -3.17
C GLU B 39 -13.15 -0.07 -4.22
N ASN B 40 -13.07 0.40 -5.47
CA ASN B 40 -12.58 -0.41 -6.59
C ASN B 40 -11.10 -0.75 -6.38
N MET B 41 -10.32 0.24 -5.97
CA MET B 41 -8.90 -0.02 -5.68
C MET B 41 -8.78 -1.07 -4.56
N GLY B 42 -9.60 -0.91 -3.52
CA GLY B 42 -9.59 -1.87 -2.41
C GLY B 42 -9.97 -3.28 -2.88
N PHE B 43 -11.00 -3.38 -3.70
CA PHE B 43 -11.47 -4.67 -4.29
C PHE B 43 -10.31 -5.40 -4.95
N ARG B 44 -9.58 -4.65 -5.77
CA ARG B 44 -8.45 -5.23 -6.55
C ARG B 44 -7.34 -5.70 -5.63
N VAL B 45 -7.06 -4.92 -4.62
CA VAL B 45 -5.96 -5.30 -3.68
C VAL B 45 -6.41 -6.51 -2.91
N GLY B 46 -7.64 -6.49 -2.43
CA GLY B 46 -8.20 -7.68 -1.72
C GLY B 46 -8.12 -8.96 -2.53
N GLN B 47 -8.53 -8.89 -3.81
CA GLN B 47 -8.41 -10.05 -4.72
C GLN B 47 -6.96 -10.53 -4.79
N GLY B 48 -6.03 -9.60 -5.00
CA GLY B 48 -4.61 -9.89 -5.12
C GLY B 48 -4.05 -10.57 -3.91
N LEU B 49 -4.43 -10.11 -2.72
CA LEU B 49 -3.96 -10.78 -1.52
C LEU B 49 -4.46 -12.21 -1.43
N ILE B 50 -5.73 -12.47 -1.72
CA ILE B 50 -6.27 -13.84 -1.70
C ILE B 50 -5.42 -14.77 -2.52
N GLU B 51 -4.99 -14.31 -3.68
CA GLU B 51 -4.23 -15.15 -4.57
C GLU B 51 -2.89 -15.56 -3.98
N ARG B 52 -2.46 -14.89 -2.93
CA ARG B 52 -1.19 -15.19 -2.31
C ARG B 52 -1.27 -16.00 -1.00
N PHE B 53 -2.45 -16.49 -0.64
CA PHE B 53 -2.59 -17.45 0.45
C PHE B 53 -2.73 -18.88 -0.12
N THR B 54 -2.13 -19.81 0.60
CA THR B 54 -2.20 -21.24 0.26
C THR B 54 -3.60 -21.77 0.51
N LYS B 55 -4.14 -22.57 -0.41
CA LYS B 55 -5.48 -23.12 -0.18
C LYS B 55 -5.39 -24.62 0.02
N ASP B 56 -6.33 -25.14 0.78
CA ASP B 56 -6.67 -26.55 0.74
C ASP B 56 -8.15 -26.70 1.07
N THR B 57 -8.61 -27.95 1.06
CA THR B 57 -10.01 -28.28 1.30
C THR B 57 -10.56 -27.57 2.52
N ALA B 58 -9.93 -27.79 3.67
CA ALA B 58 -10.46 -27.33 4.97
C ALA B 58 -10.37 -25.82 5.18
N ARG B 59 -9.36 -25.18 4.63
CA ARG B 59 -9.34 -23.75 4.70
C ARG B 59 -10.63 -23.37 3.95
N PHE B 60 -11.27 -22.28 4.35
CA PHE B 60 -12.40 -21.81 3.57
C PHE B 60 -13.43 -22.93 3.40
N LYS B 61 -13.50 -23.86 4.35
CA LYS B 61 -14.56 -24.85 4.35
C LYS B 61 -15.93 -24.15 4.25
N ASP B 62 -16.60 -23.92 5.39
CA ASP B 62 -17.87 -23.24 5.37
C ASP B 62 -17.72 -21.72 5.36
N GLU B 63 -18.85 -21.05 5.18
CA GLU B 63 -18.88 -19.60 5.09
C GLU B 63 -18.28 -18.95 6.34
N LEU B 64 -18.58 -19.48 7.53
CA LEU B 64 -18.08 -18.89 8.78
C LEU B 64 -16.57 -19.04 8.82
N ASP B 65 -16.04 -20.14 8.33
CA ASP B 65 -14.57 -20.24 8.23
C ASP B 65 -13.92 -19.21 7.34
N ILE B 66 -14.53 -18.93 6.18
CA ILE B 66 -14.07 -17.87 5.32
C ILE B 66 -14.13 -16.52 6.06
N MET B 67 -15.23 -16.27 6.77
CA MET B 67 -15.34 -15.03 7.51
C MET B 67 -14.27 -14.91 8.62
N LYS B 68 -13.98 -16.03 9.29
CA LYS B 68 -12.95 -15.97 10.34
C LYS B 68 -11.58 -15.69 9.71
N PHE B 69 -11.34 -16.24 8.53
CA PHE B 69 -10.09 -15.92 7.78
C PHE B 69 -9.98 -14.42 7.48
N ILE B 70 -11.07 -13.80 7.01
CA ILE B 70 -11.07 -12.37 6.76
C ILE B 70 -10.68 -11.60 8.02
N CYS B 71 -11.21 -12.03 9.16
CA CYS B 71 -10.98 -11.40 10.47
C CYS B 71 -9.59 -11.55 11.02
N LYS B 72 -8.94 -12.63 10.63
CA LYS B 72 -7.70 -13.02 11.26
C LYS B 72 -6.53 -12.88 10.26
N ASP B 73 -6.24 -13.91 9.48
CA ASP B 73 -5.06 -13.85 8.60
C ASP B 73 -5.11 -12.66 7.61
N PHE B 74 -6.29 -12.40 7.07
CA PHE B 74 -6.43 -11.33 6.05
C PHE B 74 -6.31 -9.97 6.71
N TRP B 75 -7.04 -9.73 7.77
CA TRP B 75 -6.97 -8.45 8.52
C TRP B 75 -5.54 -8.20 9.00
N THR B 76 -4.89 -9.23 9.50
CA THR B 76 -3.56 -9.05 10.01
C THR B 76 -2.57 -8.63 8.93
N THR B 77 -2.74 -9.17 7.72
CA THR B 77 -1.91 -8.79 6.60
C THR B 77 -1.86 -7.26 6.41
N VAL B 78 -3.03 -6.64 6.49
CA VAL B 78 -3.19 -5.25 6.16
C VAL B 78 -2.94 -4.39 7.40
N PHE B 79 -3.55 -4.75 8.51
CA PHE B 79 -3.60 -3.85 9.69
C PHE B 79 -2.70 -4.26 10.86
N LYS B 80 -2.07 -5.44 10.73
CA LYS B 80 -1.20 -5.96 11.77
C LYS B 80 -1.91 -6.28 13.11
N LYS B 81 -3.23 -6.42 13.08
CA LYS B 81 -4.00 -6.98 14.17
C LYS B 81 -5.24 -7.65 13.58
N GLN B 82 -5.91 -8.46 14.40
CA GLN B 82 -7.14 -9.14 13.99
C GLN B 82 -8.32 -8.30 14.34
N ILE B 83 -9.45 -8.58 13.67
CA ILE B 83 -10.74 -8.02 14.09
C ILE B 83 -10.99 -8.37 15.54
N ASP B 84 -11.57 -7.41 16.30
CA ASP B 84 -11.78 -7.59 17.74
C ASP B 84 -12.98 -8.47 18.05
N ASN B 85 -14.01 -8.34 17.24
CA ASN B 85 -15.23 -9.14 17.43
C ASN B 85 -15.91 -9.42 16.11
N LEU B 86 -16.30 -10.68 15.93
CA LEU B 86 -17.12 -11.11 14.80
C LEU B 86 -18.50 -11.58 15.30
N ARG B 87 -19.56 -11.01 14.76
CA ARG B 87 -20.93 -11.38 15.12
C ARG B 87 -21.65 -11.77 13.86
N THR B 88 -22.49 -12.80 13.94
CA THR B 88 -23.36 -13.13 12.83
C THR B 88 -24.75 -13.52 13.31
N ASN B 89 -25.74 -13.32 12.43
CA ASN B 89 -27.04 -13.87 12.65
C ASN B 89 -27.20 -15.28 12.06
N HIS B 90 -26.14 -15.75 11.38
CA HIS B 90 -26.10 -17.03 10.67
C HIS B 90 -27.10 -17.08 9.50
N GLN B 91 -27.62 -15.91 9.12
CA GLN B 91 -28.59 -15.80 8.05
C GLN B 91 -28.02 -14.85 6.98
N GLY B 92 -26.70 -14.77 6.90
CA GLY B 92 -26.03 -13.98 5.85
C GLY B 92 -25.49 -12.61 6.21
N ILE B 93 -25.63 -12.19 7.46
CA ILE B 93 -25.11 -10.92 7.91
C ILE B 93 -24.04 -11.12 8.95
N TYR B 94 -22.90 -10.51 8.72
CA TYR B 94 -21.77 -10.55 9.65
C TYR B 94 -21.38 -9.12 10.01
N VAL B 95 -21.05 -8.88 11.27
CA VAL B 95 -20.55 -7.59 11.68
C VAL B 95 -19.16 -7.81 12.28
N LEU B 96 -18.19 -7.05 11.73
CA LEU B 96 -16.77 -7.12 12.05
C LEU B 96 -16.43 -5.82 12.75
N GLN B 97 -16.12 -5.88 14.03
CA GLN B 97 -15.73 -4.72 14.79
C GLN B 97 -14.23 -4.65 15.01
N ASP B 98 -13.69 -3.49 14.65
CA ASP B 98 -12.28 -3.15 14.91
C ASP B 98 -12.35 -1.99 15.92
N ASN B 99 -11.92 -2.24 17.15
CA ASN B 99 -12.08 -1.29 18.27
C ASN B 99 -11.19 -0.06 18.14
N LYS B 100 -10.11 -0.22 17.39
CA LYS B 100 -9.13 0.88 17.22
C LYS B 100 -8.68 0.86 15.77
N PHE B 101 -9.50 1.39 14.89
CA PHE B 101 -9.26 1.23 13.46
C PHE B 101 -8.09 2.08 13.04
N ARG B 102 -7.07 1.41 12.55
CA ARG B 102 -5.77 2.04 12.42
C ARG B 102 -5.70 3.24 11.48
N LEU B 103 -6.58 3.27 10.50
CA LEU B 103 -6.61 4.38 9.53
C LEU B 103 -7.19 5.64 10.15
N LEU B 104 -7.90 5.48 11.27
CA LEU B 104 -8.49 6.62 12.02
C LEU B 104 -7.69 7.05 13.25
N THR B 105 -6.66 6.29 13.63
CA THR B 105 -5.83 6.61 14.79
C THR B 105 -4.47 7.13 14.36
N HIS B 116 -17.21 12.73 6.84
CA HIS B 116 -15.85 12.66 6.31
C HIS B 116 -15.21 11.31 6.61
N ALA B 117 -15.70 10.59 7.63
CA ALA B 117 -15.12 9.27 7.92
C ALA B 117 -15.21 8.31 6.74
N SER B 118 -16.29 8.40 5.98
CA SER B 118 -16.56 7.52 4.85
C SER B 118 -15.38 7.38 3.91
N LYS B 119 -14.70 8.48 3.64
CA LYS B 119 -13.63 8.38 2.68
C LYS B 119 -12.49 7.51 3.23
N TYR B 120 -12.44 7.35 4.55
CA TYR B 120 -11.39 6.56 5.17
C TYR B 120 -11.73 5.07 5.42
N LEU B 121 -12.97 4.73 5.12
CA LEU B 121 -13.48 3.37 5.22
C LEU B 121 -13.73 2.74 3.87
N ALA B 122 -13.86 3.53 2.81
CA ALA B 122 -14.19 2.98 1.46
C ALA B 122 -13.23 1.88 0.96
N PHE B 123 -11.93 2.16 1.02
CA PHE B 123 -10.97 1.22 0.43
C PHE B 123 -11.09 -0.12 1.19
N THR B 124 -11.27 -0.04 2.51
CA THR B 124 -11.35 -1.27 3.37
C THR B 124 -12.61 -2.07 3.06
N CYS B 125 -13.72 -1.39 2.84
CA CYS B 125 -14.95 -2.09 2.38
C CYS B 125 -14.64 -2.85 1.10
N GLY B 126 -13.91 -2.22 0.20
CA GLY B 126 -13.53 -2.82 -1.09
C GLY B 126 -12.63 -4.03 -0.87
N LEU B 127 -11.65 -3.85 0.00
CA LEU B 127 -10.72 -4.93 0.43
C LEU B 127 -11.49 -6.20 0.82
N ILE B 128 -12.44 -6.03 1.70
CA ILE B 128 -13.24 -7.17 2.19
C ILE B 128 -13.99 -7.79 1.00
N ARG B 129 -14.69 -6.99 0.25
CA ARG B 129 -15.46 -7.52 -0.83
C ARG B 129 -14.60 -8.29 -1.82
N GLY B 130 -13.43 -7.75 -2.14
CA GLY B 130 -12.57 -8.41 -3.16
C GLY B 130 -11.98 -9.72 -2.69
N GLY B 131 -11.60 -9.73 -1.43
CA GLY B 131 -11.15 -10.91 -0.73
C GLY B 131 -12.24 -12.00 -0.81
N LEU B 132 -13.44 -11.66 -0.40
CA LEU B 132 -14.56 -12.59 -0.45
C LEU B 132 -14.85 -13.05 -1.89
N SER B 133 -14.79 -12.12 -2.84
CA SER B 133 -15.07 -12.47 -4.23
C SER B 133 -14.16 -13.60 -4.74
N ASN B 134 -12.87 -13.53 -4.38
CA ASN B 134 -11.94 -14.50 -4.89
C ASN B 134 -12.03 -15.84 -4.14
N LEU B 135 -12.83 -15.84 -3.09
CA LEU B 135 -13.22 -17.04 -2.36
C LEU B 135 -14.64 -17.55 -2.75
N GLY B 136 -15.21 -16.97 -3.82
CA GLY B 136 -16.45 -17.40 -4.35
C GLY B 136 -17.68 -16.78 -3.76
N ILE B 137 -17.51 -15.76 -2.93
CA ILE B 137 -18.61 -15.14 -2.20
C ILE B 137 -18.90 -13.76 -2.79
N LYS B 138 -20.18 -13.53 -3.10
CA LYS B 138 -20.70 -12.23 -3.50
C LYS B 138 -21.24 -11.50 -2.26
N SER B 139 -20.85 -10.26 -2.07
CA SER B 139 -21.20 -9.59 -0.84
C SER B 139 -21.41 -8.10 -1.04
N ILE B 140 -22.12 -7.46 -0.10
CA ILE B 140 -22.03 -5.99 -0.01
C ILE B 140 -21.50 -5.71 1.36
N VAL B 141 -20.60 -4.74 1.40
CA VAL B 141 -19.87 -4.34 2.58
C VAL B 141 -20.03 -2.85 2.83
N THR B 142 -20.56 -2.55 4.01
CA THR B 142 -20.78 -1.18 4.47
C THR B 142 -20.06 -0.98 5.78
N ALA B 143 -19.79 0.27 6.15
CA ALA B 143 -19.05 0.53 7.38
C ALA B 143 -19.47 1.80 8.00
N GLU B 144 -19.24 1.88 9.29
CA GLU B 144 -19.49 3.11 10.04
C GLU B 144 -18.56 3.22 11.22
N VAL B 145 -18.30 4.44 11.67
CA VAL B 145 -17.62 4.67 12.93
C VAL B 145 -18.66 4.52 14.02
N SER B 146 -18.43 3.58 14.93
CA SER B 146 -19.31 3.41 16.07
C SER B 146 -18.96 4.45 17.12
N SER B 147 -17.79 4.31 17.74
CA SER B 147 -17.30 5.38 18.62
C SER B 147 -15.83 5.55 18.35
N MET B 148 -15.49 6.67 17.71
CA MET B 148 -14.12 6.92 17.25
C MET B 148 -13.08 6.53 18.28
N PRO B 149 -12.11 5.69 17.91
CA PRO B 149 -11.75 5.16 16.61
C PRO B 149 -12.33 3.79 16.27
N ALA B 150 -13.32 3.32 17.01
CA ALA B 150 -13.93 2.03 16.77
C ALA B 150 -14.79 2.07 15.54
N CYS B 151 -14.74 1.01 14.74
CA CYS B 151 -15.45 0.91 13.45
C CYS B 151 -16.11 -0.44 13.31
N LYS B 152 -17.23 -0.44 12.61
CA LYS B 152 -17.95 -1.67 12.35
C LYS B 152 -18.10 -1.85 10.87
N PHE B 153 -17.73 -3.02 10.36
CA PHE B 153 -17.93 -3.38 8.98
C PHE B 153 -19.02 -4.43 8.88
N GLN B 154 -20.11 -4.12 8.17
CA GLN B 154 -21.18 -5.08 7.93
C GLN B 154 -21.06 -5.72 6.57
N VAL B 155 -20.96 -7.05 6.58
CA VAL B 155 -20.91 -7.91 5.40
C VAL B 155 -22.22 -8.66 5.25
N MET B 156 -22.87 -8.39 4.13
CA MET B 156 -24.12 -9.02 3.76
C MET B 156 -23.91 -9.94 2.53
N ILE B 157 -24.02 -11.25 2.74
CA ILE B 157 -23.76 -12.23 1.72
C ILE B 157 -24.97 -12.23 0.79
N GLN B 158 -24.70 -12.14 -0.51
CA GLN B 158 -25.69 -12.24 -1.54
C GLN B 158 -25.97 -13.73 -1.85
N LYS B 159 -27.24 -14.06 -1.85
#